data_7JKA
#
_entry.id   7JKA
#
_cell.length_a   78.445
_cell.length_b   43.680
_cell.length_c   59.645
_cell.angle_alpha   90.000
_cell.angle_beta   92.713
_cell.angle_gamma   90.000
#
_symmetry.space_group_name_H-M   'C 1 2 1'
#
loop_
_entity.id
_entity.type
_entity.pdbx_description
1 polymer 'm3DLH protein'
2 water water
#
_entity_poly.entity_id   1
_entity_poly.type   'polypeptide(L)'
_entity_poly.pdbx_seq_one_letter_code
;MASWSHPQFEKGAMKHREIRYTDGHTQFVGELHWDEQQGGKCPGVVVFPEAFGLNDHARERARRLAGLGYAALAADLHGD
GRLIDDMEQLRPRMEGLFGDRAAWRALARAALDTLVAQPEVDADRLAAIGFCFGGTTALELARSGASLGAIVTFHAGLLP
ELPEDAGRIRGRVLVCHGAEDPLVQKEAIDAVMGEWRRDRVDWQFTFYGNAAHSFTDPAADAHGMAGLAYEPLTEARSWT
AMRNLFDEVFSR
;
_entity_poly.pdbx_strand_id   A
#
# COMPACT_ATOMS: atom_id res chain seq x y z
N GLY A 12 -22.17 -7.69 6.27
CA GLY A 12 -22.55 -7.11 4.99
C GLY A 12 -22.73 -8.18 3.92
N ALA A 13 -22.49 -7.81 2.66
CA ALA A 13 -22.52 -8.74 1.54
C ALA A 13 -21.19 -8.62 0.80
N MET A 14 -20.12 -9.08 1.43
CA MET A 14 -18.76 -8.91 0.90
C MET A 14 -18.55 -9.84 -0.28
N LYS A 15 -18.04 -9.28 -1.37
CA LYS A 15 -17.79 -10.01 -2.59
C LYS A 15 -16.38 -9.72 -3.06
N HIS A 16 -15.87 -10.59 -3.92
CA HIS A 16 -14.61 -10.32 -4.59
C HIS A 16 -14.69 -10.81 -6.02
N ARG A 17 -13.86 -10.18 -6.87
CA ARG A 17 -13.75 -10.64 -8.25
C ARG A 17 -12.33 -10.39 -8.73
N GLU A 18 -11.87 -11.30 -9.58
N GLU A 18 -11.86 -11.31 -9.57
CA GLU A 18 -10.56 -11.16 -10.19
CA GLU A 18 -10.57 -11.15 -10.21
C GLU A 18 -10.59 -10.05 -11.23
C GLU A 18 -10.63 -9.99 -11.18
N ILE A 19 -9.56 -9.20 -11.21
CA ILE A 19 -9.44 -8.08 -12.14
C ILE A 19 -8.14 -8.26 -12.92
N ARG A 20 -8.23 -8.32 -14.23
CA ARG A 20 -7.03 -8.40 -15.08
C ARG A 20 -6.75 -7.02 -15.66
N TYR A 21 -5.51 -6.58 -15.57
CA TYR A 21 -5.19 -5.24 -16.02
C TYR A 21 -3.74 -5.22 -16.48
N THR A 22 -3.31 -4.09 -17.06
CA THR A 22 -1.97 -4.05 -17.61
C THR A 22 -1.42 -2.63 -17.53
N ASP A 23 -0.10 -2.53 -17.50
CA ASP A 23 0.58 -1.27 -17.74
C ASP A 23 1.01 -1.09 -19.20
N GLY A 24 0.61 -2.03 -20.08
CA GLY A 24 1.04 -2.02 -21.47
C GLY A 24 2.22 -2.92 -21.77
N HIS A 25 2.96 -3.35 -20.74
CA HIS A 25 4.03 -4.33 -20.86
C HIS A 25 3.61 -5.67 -20.29
N THR A 26 3.12 -5.65 -19.07
CA THR A 26 2.94 -6.81 -18.24
C THR A 26 1.46 -7.01 -17.99
N GLN A 27 1.05 -8.29 -17.92
CA GLN A 27 -0.31 -8.65 -17.59
C GLN A 27 -0.40 -8.87 -16.09
N PHE A 28 -1.29 -8.13 -15.41
CA PHE A 28 -1.47 -8.21 -13.97
C PHE A 28 -2.82 -8.82 -13.63
N VAL A 29 -2.89 -9.46 -12.47
CA VAL A 29 -4.10 -10.12 -12.00
C VAL A 29 -4.29 -9.70 -10.55
N GLY A 30 -5.24 -8.80 -10.32
CA GLY A 30 -5.58 -8.34 -8.99
C GLY A 30 -6.93 -8.89 -8.55
N GLU A 31 -7.40 -8.36 -7.44
CA GLU A 31 -8.66 -8.81 -6.87
C GLU A 31 -9.38 -7.63 -6.22
N LEU A 32 -10.61 -7.38 -6.67
CA LEU A 32 -11.42 -6.30 -6.12
C LEU A 32 -12.34 -6.88 -5.06
N HIS A 33 -12.37 -6.24 -3.90
CA HIS A 33 -13.28 -6.57 -2.80
C HIS A 33 -14.23 -5.41 -2.58
N TRP A 34 -15.52 -5.70 -2.42
CA TRP A 34 -16.48 -4.64 -2.21
C TRP A 34 -17.67 -5.22 -1.46
N ASP A 35 -18.48 -4.33 -0.89
CA ASP A 35 -19.72 -4.73 -0.22
C ASP A 35 -20.87 -4.51 -1.19
N GLU A 36 -21.52 -5.61 -1.61
CA GLU A 36 -22.61 -5.51 -2.59
C GLU A 36 -23.78 -4.71 -2.04
N GLN A 37 -23.88 -4.55 -0.72
CA GLN A 37 -24.98 -3.76 -0.17
C GLN A 37 -24.80 -2.25 -0.36
N GLN A 38 -23.61 -1.78 -0.70
CA GLN A 38 -23.42 -0.34 -0.75
C GLN A 38 -24.23 0.29 -1.88
N GLY A 39 -24.78 1.47 -1.59
CA GLY A 39 -25.69 2.13 -2.51
C GLY A 39 -24.98 2.64 -3.76
N GLY A 40 -24.50 3.87 -3.70
CA GLY A 40 -23.80 4.47 -4.80
C GLY A 40 -22.30 4.25 -4.72
N LYS A 41 -21.58 5.09 -5.46
CA LYS A 41 -20.13 4.98 -5.53
C LYS A 41 -19.49 5.16 -4.16
N CYS A 42 -18.47 4.38 -3.88
N CYS A 42 -18.48 4.35 -3.88
CA CYS A 42 -17.79 4.44 -2.59
CA CYS A 42 -17.74 4.28 -2.62
C CYS A 42 -16.31 4.72 -2.77
C CYS A 42 -16.31 4.77 -2.81
N PRO A 43 -15.61 5.11 -1.71
CA PRO A 43 -14.18 5.35 -1.83
C PRO A 43 -13.47 4.09 -2.28
N GLY A 44 -12.44 4.29 -3.10
CA GLY A 44 -11.61 3.20 -3.58
C GLY A 44 -10.27 3.22 -2.86
N VAL A 45 -9.75 2.03 -2.56
CA VAL A 45 -8.44 1.90 -1.93
C VAL A 45 -7.65 0.87 -2.72
N VAL A 46 -6.47 1.24 -3.19
N VAL A 46 -6.48 1.27 -3.22
CA VAL A 46 -5.59 0.24 -3.79
CA VAL A 46 -5.53 0.30 -3.73
C VAL A 46 -4.64 -0.27 -2.71
C VAL A 46 -4.76 -0.28 -2.55
N VAL A 47 -4.60 -1.59 -2.56
CA VAL A 47 -3.85 -2.29 -1.51
C VAL A 47 -2.62 -2.92 -2.16
N PHE A 48 -1.43 -2.40 -1.82
CA PHE A 48 -0.21 -3.01 -2.34
C PHE A 48 0.34 -4.00 -1.32
N PRO A 49 0.61 -5.22 -1.74
CA PRO A 49 1.03 -6.27 -0.81
C PRO A 49 2.51 -6.15 -0.45
N GLU A 50 2.94 -6.98 0.49
CA GLU A 50 4.37 -7.20 0.69
C GLU A 50 5.03 -7.67 -0.61
N ALA A 51 6.37 -7.62 -0.68
CA ALA A 51 7.07 -7.89 -1.94
C ALA A 51 6.92 -9.33 -2.40
N PHE A 52 6.46 -10.24 -1.55
CA PHE A 52 6.08 -11.57 -2.03
C PHE A 52 5.13 -11.49 -3.20
N GLY A 53 4.25 -10.49 -3.21
CA GLY A 53 3.21 -10.33 -4.21
C GLY A 53 1.82 -10.47 -3.60
N LEU A 54 0.82 -10.48 -4.49
N LEU A 54 0.82 -10.51 -4.49
CA LEU A 54 -0.56 -10.56 -4.02
CA LEU A 54 -0.56 -10.57 -4.04
C LEU A 54 -0.77 -11.89 -3.33
C LEU A 54 -0.81 -11.89 -3.34
N ASN A 55 -0.90 -11.86 -2.02
CA ASN A 55 -1.03 -13.06 -1.21
C ASN A 55 -2.26 -12.96 -0.31
N ASP A 56 -2.45 -13.98 0.55
CA ASP A 56 -3.65 -14.03 1.38
C ASP A 56 -3.72 -12.87 2.35
N HIS A 57 -2.56 -12.43 2.84
CA HIS A 57 -2.51 -11.28 3.74
C HIS A 57 -3.12 -10.05 3.07
N ALA A 58 -2.75 -9.77 1.83
CA ALA A 58 -3.29 -8.59 1.15
C ALA A 58 -4.76 -8.76 0.82
N ARG A 59 -5.16 -9.96 0.41
CA ARG A 59 -6.58 -10.20 0.14
C ARG A 59 -7.42 -9.96 1.39
N GLU A 60 -6.93 -10.40 2.55
CA GLU A 60 -7.67 -10.21 3.78
C GLU A 60 -7.77 -8.72 4.12
N ARG A 61 -6.72 -7.94 3.86
CA ARG A 61 -6.84 -6.51 4.14
C ARG A 61 -7.84 -5.85 3.19
N ALA A 62 -7.86 -6.25 1.93
CA ALA A 62 -8.87 -5.72 1.00
C ALA A 62 -10.27 -6.12 1.48
N ARG A 63 -10.42 -7.35 1.96
N ARG A 63 -10.42 -7.36 1.93
CA ARG A 63 -11.74 -7.75 2.47
CA ARG A 63 -11.71 -7.77 2.48
C ARG A 63 -12.13 -6.91 3.68
C ARG A 63 -12.12 -6.90 3.66
N ARG A 64 -11.18 -6.61 4.57
CA ARG A 64 -11.51 -5.79 5.73
C ARG A 64 -11.92 -4.39 5.30
N LEU A 65 -11.26 -3.85 4.27
CA LEU A 65 -11.64 -2.53 3.75
C LEU A 65 -13.04 -2.53 3.15
N ALA A 66 -13.39 -3.59 2.42
CA ALA A 66 -14.78 -3.72 1.94
C ALA A 66 -15.76 -3.72 3.11
N GLY A 67 -15.37 -4.33 4.24
CA GLY A 67 -16.25 -4.31 5.40
C GLY A 67 -16.43 -2.94 6.02
N LEU A 68 -15.54 -2.00 5.69
CA LEU A 68 -15.67 -0.62 6.11
C LEU A 68 -16.45 0.24 5.14
N GLY A 69 -16.94 -0.35 4.04
CA GLY A 69 -17.67 0.39 3.04
C GLY A 69 -16.83 0.91 1.89
N TYR A 70 -15.64 0.37 1.68
CA TYR A 70 -14.81 0.79 0.57
C TYR A 70 -14.82 -0.27 -0.53
N ALA A 71 -14.30 0.09 -1.69
CA ALA A 71 -13.98 -0.85 -2.77
C ALA A 71 -12.48 -0.90 -2.84
N ALA A 72 -11.90 -2.09 -2.61
CA ALA A 72 -10.47 -2.21 -2.41
C ALA A 72 -9.91 -3.17 -3.47
N LEU A 73 -8.89 -2.70 -4.19
CA LEU A 73 -8.19 -3.53 -5.19
C LEU A 73 -6.89 -4.02 -4.59
N ALA A 74 -6.82 -5.32 -4.32
CA ALA A 74 -5.53 -5.94 -3.99
C ALA A 74 -4.71 -6.05 -5.26
N ALA A 75 -3.55 -5.41 -5.28
CA ALA A 75 -2.76 -5.26 -6.50
C ALA A 75 -1.72 -6.37 -6.66
N ASP A 76 -1.39 -6.64 -7.91
CA ASP A 76 -0.37 -7.61 -8.30
C ASP A 76 0.95 -6.86 -8.55
N LEU A 77 2.01 -7.21 -7.82
CA LEU A 77 3.27 -6.49 -7.99
C LEU A 77 4.13 -7.02 -9.12
N HIS A 78 3.90 -8.25 -9.58
CA HIS A 78 4.89 -8.95 -10.38
C HIS A 78 4.40 -9.34 -11.76
N GLY A 79 3.12 -9.51 -11.93
CA GLY A 79 2.53 -9.94 -13.17
C GLY A 79 1.99 -11.36 -13.05
N ASP A 80 0.89 -11.61 -13.75
CA ASP A 80 0.24 -12.93 -13.80
C ASP A 80 -0.06 -13.47 -12.42
N GLY A 81 -0.21 -12.56 -11.44
CA GLY A 81 -0.50 -12.98 -10.09
C GLY A 81 0.63 -13.71 -9.41
N ARG A 82 1.86 -13.56 -9.90
CA ARG A 82 2.96 -14.38 -9.43
C ARG A 82 3.29 -14.04 -7.97
N LEU A 83 3.63 -15.09 -7.22
N LEU A 83 3.64 -15.07 -7.21
CA LEU A 83 3.91 -15.00 -5.79
CA LEU A 83 3.90 -14.94 -5.78
C LEU A 83 5.32 -15.52 -5.55
C LEU A 83 5.27 -15.51 -5.47
N ILE A 84 6.22 -14.63 -5.14
CA ILE A 84 7.59 -15.03 -4.85
C ILE A 84 7.60 -15.80 -3.53
N ASP A 85 8.05 -17.05 -3.56
CA ASP A 85 8.20 -17.84 -2.35
C ASP A 85 9.65 -18.23 -2.08
N ASP A 86 10.56 -17.97 -3.01
CA ASP A 86 11.98 -18.20 -2.80
C ASP A 86 12.58 -16.87 -2.37
N MET A 87 12.98 -16.77 -1.10
CA MET A 87 13.41 -15.49 -0.57
C MET A 87 14.65 -14.95 -1.29
N GLU A 88 15.43 -15.80 -1.95
CA GLU A 88 16.52 -15.31 -2.79
C GLU A 88 16.02 -14.47 -3.95
N GLN A 89 14.76 -14.60 -4.35
CA GLN A 89 14.23 -13.83 -5.45
C GLN A 89 13.66 -12.49 -5.01
N LEU A 90 13.49 -12.25 -3.71
CA LEU A 90 12.81 -11.04 -3.25
C LEU A 90 13.66 -9.81 -3.55
N ARG A 91 14.89 -9.80 -3.05
CA ARG A 91 15.76 -8.64 -3.20
C ARG A 91 16.05 -8.31 -4.67
N PRO A 92 16.37 -9.27 -5.54
CA PRO A 92 16.55 -8.88 -6.96
C PRO A 92 15.34 -8.18 -7.56
N ARG A 93 14.12 -8.64 -7.22
CA ARG A 93 12.92 -8.00 -7.74
C ARG A 93 12.79 -6.59 -7.18
N MET A 94 12.95 -6.42 -5.87
CA MET A 94 12.84 -5.09 -5.28
C MET A 94 13.91 -4.16 -5.82
N GLU A 95 15.14 -4.65 -5.92
CA GLU A 95 16.19 -3.77 -6.40
C GLU A 95 15.99 -3.43 -7.87
N GLY A 96 15.42 -4.34 -8.66
CA GLY A 96 15.14 -4.00 -10.03
C GLY A 96 14.14 -2.87 -10.14
N LEU A 97 13.17 -2.84 -9.21
CA LEU A 97 12.21 -1.76 -9.20
C LEU A 97 12.81 -0.48 -8.63
N PHE A 98 13.65 -0.56 -7.57
CA PHE A 98 14.39 0.62 -7.12
C PHE A 98 15.13 1.30 -8.26
N GLY A 99 15.73 0.50 -9.16
CA GLY A 99 16.53 1.07 -10.22
C GLY A 99 15.76 1.40 -11.48
N ASP A 100 14.45 1.18 -11.49
CA ASP A 100 13.59 1.47 -12.63
C ASP A 100 12.31 2.06 -12.03
N ARG A 101 12.43 3.27 -11.50
N ARG A 101 12.43 3.27 -11.51
CA ARG A 101 11.29 3.92 -10.84
CA ARG A 101 11.30 3.91 -10.84
C ARG A 101 10.12 4.09 -11.80
C ARG A 101 10.13 4.12 -11.79
N ALA A 102 10.41 4.35 -13.08
CA ALA A 102 9.33 4.51 -14.06
C ALA A 102 8.51 3.23 -14.18
N ALA A 103 9.17 2.07 -14.24
CA ALA A 103 8.43 0.81 -14.35
C ALA A 103 7.68 0.52 -13.06
N TRP A 104 8.30 0.83 -11.92
CA TRP A 104 7.67 0.64 -10.64
C TRP A 104 6.43 1.50 -10.53
N ARG A 105 6.54 2.78 -10.91
CA ARG A 105 5.38 3.66 -10.84
C ARG A 105 4.33 3.27 -11.84
N ALA A 106 4.72 2.70 -12.98
CA ALA A 106 3.74 2.31 -13.98
C ALA A 106 2.87 1.15 -13.51
N LEU A 107 3.45 0.16 -12.83
CA LEU A 107 2.62 -0.93 -12.32
C LEU A 107 1.73 -0.45 -11.17
N ALA A 108 2.19 0.55 -10.40
CA ALA A 108 1.35 1.10 -9.34
C ALA A 108 0.21 1.94 -9.92
N ARG A 109 0.52 2.75 -10.93
CA ARG A 109 -0.50 3.56 -11.56
C ARG A 109 -1.51 2.68 -12.30
N ALA A 110 -1.06 1.55 -12.88
CA ALA A 110 -1.99 0.64 -13.53
C ALA A 110 -2.99 0.07 -12.53
N ALA A 111 -2.54 -0.23 -11.31
CA ALA A 111 -3.48 -0.68 -10.29
C ALA A 111 -4.48 0.43 -9.93
N LEU A 112 -4.00 1.67 -9.78
CA LEU A 112 -4.93 2.75 -9.44
C LEU A 112 -5.93 2.98 -10.56
N ASP A 113 -5.44 3.02 -11.82
CA ASP A 113 -6.33 3.24 -12.95
C ASP A 113 -7.39 2.14 -13.02
N THR A 114 -6.98 0.90 -12.77
CA THR A 114 -7.93 -0.20 -12.80
C THR A 114 -8.97 -0.07 -11.69
N LEU A 115 -8.55 0.35 -10.50
CA LEU A 115 -9.51 0.60 -9.43
C LEU A 115 -10.53 1.65 -9.87
N VAL A 116 -10.05 2.78 -10.39
CA VAL A 116 -10.94 3.86 -10.80
C VAL A 116 -11.89 3.43 -11.91
N ALA A 117 -11.49 2.47 -12.73
CA ALA A 117 -12.33 2.02 -13.83
C ALA A 117 -13.49 1.16 -13.37
N GLN A 118 -13.53 0.75 -12.08
CA GLN A 118 -14.61 -0.11 -11.61
C GLN A 118 -15.87 0.71 -11.30
N PRO A 119 -17.05 0.19 -11.63
CA PRO A 119 -18.29 0.97 -11.43
C PRO A 119 -18.60 1.27 -9.98
N GLU A 120 -18.06 0.50 -9.04
CA GLU A 120 -18.27 0.74 -7.61
C GLU A 120 -17.58 1.99 -7.09
N VAL A 121 -16.59 2.53 -7.81
CA VAL A 121 -15.60 3.41 -7.18
C VAL A 121 -15.89 4.87 -7.48
N ASP A 122 -15.80 5.69 -6.44
CA ASP A 122 -15.87 7.15 -6.54
C ASP A 122 -14.47 7.68 -6.83
N ALA A 123 -14.25 8.19 -8.06
CA ALA A 123 -12.93 8.68 -8.44
C ALA A 123 -12.47 9.89 -7.63
N ASP A 124 -13.37 10.55 -6.92
CA ASP A 124 -13.00 11.71 -6.12
C ASP A 124 -12.53 11.32 -4.73
N ARG A 125 -12.59 10.03 -4.37
CA ARG A 125 -12.29 9.58 -3.00
C ARG A 125 -11.44 8.32 -3.11
N LEU A 126 -10.13 8.52 -3.20
CA LEU A 126 -9.21 7.43 -3.46
C LEU A 126 -8.09 7.41 -2.44
N ALA A 127 -7.67 6.22 -2.08
CA ALA A 127 -6.51 6.06 -1.21
C ALA A 127 -5.65 4.90 -1.70
N ALA A 128 -4.40 4.89 -1.22
CA ALA A 128 -3.54 3.74 -1.40
C ALA A 128 -2.93 3.36 -0.07
N ILE A 129 -2.89 2.07 0.21
CA ILE A 129 -2.16 1.56 1.35
C ILE A 129 -1.19 0.49 0.87
N GLY A 130 -0.22 0.19 1.71
CA GLY A 130 0.73 -0.84 1.36
C GLY A 130 1.46 -1.35 2.57
N PHE A 131 1.91 -2.59 2.49
CA PHE A 131 2.58 -3.31 3.55
C PHE A 131 3.99 -3.60 3.08
N CYS A 132 4.98 -3.25 3.89
N CYS A 132 4.96 -3.23 3.89
CA CYS A 132 6.40 -3.45 3.55
CA CYS A 132 6.39 -3.44 3.58
C CYS A 132 6.68 -2.82 2.19
C CYS A 132 6.67 -2.82 2.20
N PHE A 133 7.24 -3.57 1.25
CA PHE A 133 7.53 -3.00 -0.07
C PHE A 133 6.28 -2.45 -0.74
N GLY A 134 5.11 -3.01 -0.45
CA GLY A 134 3.86 -2.40 -0.91
C GLY A 134 3.63 -0.99 -0.40
N GLY A 135 4.07 -0.70 0.83
CA GLY A 135 3.97 0.66 1.32
C GLY A 135 4.92 1.57 0.58
N THR A 136 6.15 1.10 0.37
CA THR A 136 7.09 1.87 -0.45
C THR A 136 6.47 2.16 -1.80
N THR A 137 5.78 1.17 -2.37
CA THR A 137 5.11 1.30 -3.66
C THR A 137 4.01 2.37 -3.60
N ALA A 138 3.22 2.35 -2.53
CA ALA A 138 2.18 3.37 -2.37
C ALA A 138 2.76 4.78 -2.36
N LEU A 139 3.91 4.96 -1.70
CA LEU A 139 4.56 6.27 -1.68
C LEU A 139 5.13 6.63 -3.05
N GLU A 140 5.61 5.65 -3.82
CA GLU A 140 6.02 5.95 -5.19
C GLU A 140 4.85 6.43 -6.02
N LEU A 141 3.67 5.83 -5.80
CA LEU A 141 2.47 6.26 -6.51
C LEU A 141 2.10 7.68 -6.13
N ALA A 142 2.18 8.00 -4.85
CA ALA A 142 1.93 9.38 -4.45
C ALA A 142 2.93 10.34 -5.06
N ARG A 143 4.21 9.96 -5.05
CA ARG A 143 5.26 10.83 -5.59
C ARG A 143 5.07 11.08 -7.08
N SER A 144 4.47 10.12 -7.78
CA SER A 144 4.25 10.28 -9.22
C SER A 144 3.23 11.38 -9.52
N GLY A 145 2.51 11.84 -8.51
CA GLY A 145 1.51 12.88 -8.70
C GLY A 145 0.13 12.36 -8.98
N ALA A 146 -0.11 11.09 -8.68
CA ALA A 146 -1.43 10.51 -8.88
C ALA A 146 -2.47 11.18 -7.98
N SER A 147 -3.72 11.13 -8.43
CA SER A 147 -4.80 11.78 -7.71
C SER A 147 -5.26 10.82 -6.60
N LEU A 148 -4.67 11.00 -5.42
CA LEU A 148 -4.96 10.20 -4.22
C LEU A 148 -5.20 11.12 -3.05
N GLY A 149 -6.27 10.88 -2.30
CA GLY A 149 -6.53 11.71 -1.13
C GLY A 149 -5.76 11.29 0.11
N ALA A 150 -5.32 10.03 0.17
CA ALA A 150 -4.67 9.54 1.39
C ALA A 150 -3.77 8.38 1.02
N ILE A 151 -2.64 8.28 1.71
CA ILE A 151 -1.69 7.20 1.55
C ILE A 151 -1.30 6.76 2.95
N VAL A 152 -1.36 5.46 3.22
CA VAL A 152 -0.99 4.92 4.52
C VAL A 152 -0.04 3.75 4.30
N THR A 153 1.09 3.76 4.97
CA THR A 153 2.05 2.67 4.88
C THR A 153 2.15 1.92 6.19
N PHE A 154 2.39 0.62 6.11
CA PHE A 154 2.56 -0.22 7.29
C PHE A 154 3.90 -0.92 7.18
N HIS A 155 4.76 -0.70 8.17
CA HIS A 155 6.12 -1.30 8.22
C HIS A 155 6.79 -1.30 6.85
N ALA A 156 6.85 -0.13 6.23
CA ALA A 156 7.39 0.04 4.88
C ALA A 156 8.83 0.52 4.88
N GLY A 157 9.64 -0.09 4.02
CA GLY A 157 10.92 0.52 3.69
C GLY A 157 10.71 1.86 3.02
N LEU A 158 11.68 2.75 3.21
CA LEU A 158 11.60 4.10 2.69
C LEU A 158 12.84 4.38 1.85
N LEU A 159 12.66 5.18 0.82
CA LEU A 159 13.84 5.56 0.05
C LEU A 159 13.64 6.98 -0.47
N PRO A 160 14.72 7.64 -0.88
CA PRO A 160 14.59 9.04 -1.30
C PRO A 160 13.75 9.21 -2.55
N GLU A 161 13.14 10.39 -2.64
CA GLU A 161 12.42 10.80 -3.84
C GLU A 161 13.36 10.90 -5.04
N LEU A 162 12.75 10.99 -6.23
CA LEU A 162 13.43 11.52 -7.40
C LEU A 162 13.31 13.04 -7.38
N PRO A 163 14.27 13.77 -7.95
CA PRO A 163 14.20 15.25 -7.90
C PRO A 163 12.88 15.82 -8.41
N GLU A 164 12.30 15.23 -9.45
CA GLU A 164 11.10 15.80 -10.03
C GLU A 164 9.87 15.57 -9.15
N ASP A 165 10.00 14.80 -8.06
CA ASP A 165 8.87 14.49 -7.20
C ASP A 165 8.51 15.64 -6.27
N ALA A 166 9.33 16.69 -6.19
CA ALA A 166 9.05 17.78 -5.27
C ALA A 166 7.66 18.37 -5.52
N GLY A 167 6.86 18.44 -4.46
CA GLY A 167 5.54 19.02 -4.53
C GLY A 167 4.47 18.19 -5.22
N ARG A 168 4.78 16.96 -5.64
N ARG A 168 4.78 16.96 -5.65
CA ARG A 168 3.80 16.19 -6.40
CA ARG A 168 3.81 16.17 -6.39
C ARG A 168 2.91 15.30 -5.53
C ARG A 168 2.86 15.38 -5.51
N ILE A 169 3.18 15.18 -4.23
CA ILE A 169 2.28 14.41 -3.38
C ILE A 169 1.04 15.24 -3.11
N ARG A 170 -0.11 14.68 -3.47
CA ARG A 170 -1.36 15.43 -3.38
C ARG A 170 -2.25 15.02 -2.23
N GLY A 171 -1.97 13.87 -1.60
CA GLY A 171 -2.82 13.36 -0.55
C GLY A 171 -2.20 13.54 0.84
N ARG A 172 -2.98 13.14 1.84
CA ARG A 172 -2.49 13.13 3.20
C ARG A 172 -1.76 11.82 3.45
N VAL A 173 -0.59 11.91 4.09
CA VAL A 173 0.33 10.79 4.21
C VAL A 173 0.38 10.37 5.67
N LEU A 174 0.25 9.07 5.94
CA LEU A 174 0.44 8.51 7.27
C LEU A 174 1.38 7.31 7.17
N VAL A 175 2.53 7.38 7.84
CA VAL A 175 3.49 6.28 7.90
C VAL A 175 3.35 5.60 9.25
N CYS A 176 2.99 4.31 9.26
CA CYS A 176 2.93 3.51 10.47
C CYS A 176 4.17 2.63 10.53
N HIS A 177 5.08 2.96 11.43
CA HIS A 177 6.44 2.43 11.45
C HIS A 177 6.69 1.67 12.75
N GLY A 178 7.25 0.47 12.64
CA GLY A 178 7.67 -0.27 13.80
C GLY A 178 9.01 0.25 14.28
N ALA A 179 9.08 0.74 15.52
CA ALA A 179 10.30 1.36 15.99
C ALA A 179 11.45 0.37 16.11
N GLU A 180 11.15 -0.94 16.22
CA GLU A 180 12.17 -1.97 16.30
C GLU A 180 12.47 -2.60 14.95
N ASP A 181 11.94 -2.06 13.87
CA ASP A 181 12.10 -2.61 12.53
C ASP A 181 13.53 -2.42 12.06
N PRO A 182 14.32 -3.49 11.90
CA PRO A 182 15.71 -3.31 11.47
C PRO A 182 15.87 -2.99 9.99
N LEU A 183 14.80 -3.09 9.22
CA LEU A 183 14.88 -3.01 7.76
C LEU A 183 14.59 -1.62 7.24
N VAL A 184 14.32 -0.65 8.10
CA VAL A 184 14.10 0.73 7.68
C VAL A 184 15.30 1.57 8.10
N GLN A 185 15.91 2.20 7.12
CA GLN A 185 17.11 3.00 7.34
C GLN A 185 16.77 4.31 8.04
N LYS A 186 17.46 4.58 9.17
CA LYS A 186 17.18 5.79 9.92
C LYS A 186 17.46 7.04 9.09
N GLU A 187 18.47 7.00 8.23
CA GLU A 187 18.72 8.10 7.31
C GLU A 187 17.57 8.27 6.33
N ALA A 188 16.91 7.17 5.94
CA ALA A 188 15.80 7.27 5.00
C ALA A 188 14.58 7.88 5.66
N ILE A 189 14.40 7.65 6.96
CA ILE A 189 13.32 8.32 7.69
C ILE A 189 13.58 9.83 7.68
N ASP A 190 14.80 10.22 8.02
CA ASP A 190 15.16 11.63 7.99
C ASP A 190 14.93 12.23 6.61
N ALA A 191 15.26 11.48 5.55
CA ALA A 191 15.15 11.99 4.19
C ALA A 191 13.69 12.28 3.84
N VAL A 192 12.80 11.31 4.06
CA VAL A 192 11.43 11.52 3.62
C VAL A 192 10.78 12.60 4.48
N MET A 193 11.07 12.62 5.79
CA MET A 193 10.54 13.71 6.60
C MET A 193 10.99 15.05 6.05
N GLY A 194 12.23 15.14 5.59
CA GLY A 194 12.73 16.39 5.05
C GLY A 194 12.03 16.80 3.76
N GLU A 195 11.76 15.81 2.90
CA GLU A 195 10.99 16.07 1.67
C GLU A 195 9.61 16.62 2.01
N TRP A 196 8.94 15.96 2.95
CA TRP A 196 7.57 16.33 3.25
C TRP A 196 7.50 17.65 4.01
N ARG A 197 8.51 17.96 4.85
CA ARG A 197 8.58 19.28 5.48
C ARG A 197 8.80 20.36 4.44
N ARG A 198 9.72 20.13 3.51
CA ARG A 198 10.01 21.12 2.47
C ARG A 198 8.76 21.45 1.66
N ASP A 199 7.98 20.43 1.30
CA ASP A 199 6.85 20.64 0.41
C ASP A 199 5.56 20.88 1.15
N ARG A 200 5.60 20.95 2.48
CA ARG A 200 4.40 21.17 3.28
C ARG A 200 3.32 20.14 2.97
N VAL A 201 3.75 18.89 2.79
CA VAL A 201 2.81 17.79 2.71
C VAL A 201 2.07 17.69 4.04
N ASP A 202 0.79 17.31 3.99
CA ASP A 202 0.06 16.94 5.20
C ASP A 202 0.48 15.52 5.53
N TRP A 203 1.50 15.37 6.36
CA TRP A 203 2.12 14.10 6.67
C TRP A 203 2.10 13.86 8.17
N GLN A 204 2.05 12.56 8.50
CA GLN A 204 2.11 12.07 9.87
C GLN A 204 3.00 10.84 9.86
N PHE A 205 3.81 10.68 10.90
CA PHE A 205 4.72 9.54 10.97
C PHE A 205 4.69 9.05 12.40
N THR A 206 4.22 7.82 12.61
CA THR A 206 4.09 7.26 13.96
C THR A 206 5.10 6.14 14.15
N PHE A 207 5.91 6.28 15.19
CA PHE A 207 6.79 5.22 15.70
C PHE A 207 5.96 4.40 16.69
N TYR A 208 5.75 3.12 16.37
CA TYR A 208 5.08 2.18 17.27
C TYR A 208 6.15 1.39 18.01
N GLY A 209 6.34 1.69 19.29
CA GLY A 209 7.45 1.10 20.00
C GLY A 209 7.43 -0.41 20.08
N ASN A 210 6.25 -0.99 20.14
CA ASN A 210 6.18 -2.44 20.36
C ASN A 210 6.72 -3.25 19.18
N ALA A 211 6.83 -2.65 18.01
CA ALA A 211 6.72 -3.39 16.76
C ALA A 211 7.99 -3.36 15.93
N ALA A 212 8.20 -4.43 15.18
CA ALA A 212 9.32 -4.52 14.25
C ALA A 212 8.78 -4.59 12.82
N HIS A 213 9.48 -5.29 11.92
CA HIS A 213 8.95 -5.43 10.58
C HIS A 213 7.80 -6.44 10.54
N SER A 214 6.92 -6.28 9.55
CA SER A 214 5.83 -7.21 9.27
C SER A 214 4.87 -7.34 10.45
N PHE A 215 4.68 -6.26 11.20
CA PHE A 215 3.89 -6.37 12.42
C PHE A 215 2.40 -6.62 12.14
N THR A 216 1.94 -6.46 10.91
CA THR A 216 0.54 -6.75 10.60
C THR A 216 0.28 -8.20 10.20
N ASP A 217 1.31 -9.03 10.10
CA ASP A 217 1.12 -10.36 9.53
C ASP A 217 1.26 -11.42 10.62
N PRO A 218 0.16 -12.09 11.01
CA PRO A 218 0.27 -13.21 11.97
C PRO A 218 1.24 -14.29 11.52
N ALA A 219 1.50 -14.38 10.22
CA ALA A 219 2.41 -15.37 9.66
C ALA A 219 3.85 -14.89 9.61
N ALA A 220 4.14 -13.72 10.19
CA ALA A 220 5.51 -13.20 10.17
C ALA A 220 6.42 -13.99 11.10
N ASP A 221 5.88 -14.51 12.20
CA ASP A 221 6.67 -15.17 13.24
C ASP A 221 7.35 -16.43 12.72
N ALA A 222 7.09 -16.80 11.48
CA ALA A 222 7.82 -17.89 10.83
C ALA A 222 9.13 -17.38 10.26
N HIS A 223 9.05 -16.70 9.11
CA HIS A 223 10.12 -16.12 8.29
C HIS A 223 11.54 -16.11 8.88
N GLY A 224 12.13 -14.92 8.94
CA GLY A 224 13.50 -14.75 9.38
C GLY A 224 13.63 -14.18 10.77
N MET A 225 12.91 -14.79 11.72
CA MET A 225 13.00 -14.54 13.16
C MET A 225 13.14 -13.06 13.54
N ALA A 226 14.22 -12.74 14.26
CA ALA A 226 14.37 -11.44 14.91
C ALA A 226 14.38 -10.32 13.88
N GLY A 227 13.42 -9.40 14.01
CA GLY A 227 13.21 -8.33 13.06
C GLY A 227 11.87 -8.42 12.36
N LEU A 228 11.38 -9.62 12.09
CA LEU A 228 10.04 -9.83 11.53
C LEU A 228 9.19 -10.55 12.56
N ALA A 229 8.11 -9.89 12.99
CA ALA A 229 7.27 -10.45 14.05
C ALA A 229 5.90 -9.79 14.01
N TYR A 230 4.86 -10.61 14.23
CA TYR A 230 3.50 -10.11 14.37
C TYR A 230 3.33 -9.38 15.70
N GLU A 231 2.61 -8.26 15.66
CA GLU A 231 2.37 -7.47 16.88
C GLU A 231 0.92 -7.03 16.85
N PRO A 232 0.02 -7.79 17.50
CA PRO A 232 -1.41 -7.53 17.30
C PRO A 232 -1.85 -6.19 17.83
N LEU A 233 -1.24 -5.67 18.89
CA LEU A 233 -1.63 -4.36 19.40
C LEU A 233 -1.34 -3.27 18.37
N THR A 234 -0.13 -3.29 17.81
CA THR A 234 0.23 -2.32 16.78
C THR A 234 -0.59 -2.52 15.52
N GLU A 235 -0.89 -3.77 15.18
CA GLU A 235 -1.78 -4.00 14.03
C GLU A 235 -3.11 -3.28 14.22
N ALA A 236 -3.69 -3.41 15.41
CA ALA A 236 -4.99 -2.78 15.66
C ALA A 236 -4.87 -1.26 15.71
N ARG A 237 -3.85 -0.75 16.42
CA ARG A 237 -3.71 0.70 16.53
C ARG A 237 -3.49 1.35 15.16
N SER A 238 -2.59 0.77 14.36
CA SER A 238 -2.32 1.36 13.05
C SER A 238 -3.52 1.24 12.12
N TRP A 239 -4.29 0.15 12.19
CA TRP A 239 -5.50 0.06 11.39
C TRP A 239 -6.49 1.14 11.80
N THR A 240 -6.62 1.38 13.11
CA THR A 240 -7.50 2.44 13.58
C THR A 240 -7.01 3.80 13.08
N ALA A 241 -5.68 4.03 13.14
CA ALA A 241 -5.17 5.31 12.64
C ALA A 241 -5.49 5.50 11.16
N MET A 242 -5.36 4.43 10.37
CA MET A 242 -5.75 4.47 8.96
C MET A 242 -7.22 4.81 8.82
N ARG A 243 -8.08 4.12 9.57
N ARG A 243 -8.08 4.10 9.56
CA ARG A 243 -9.52 4.39 9.49
CA ARG A 243 -9.51 4.39 9.52
C ARG A 243 -9.84 5.83 9.87
C ARG A 243 -9.82 5.84 9.86
N ASN A 244 -9.18 6.37 10.91
CA ASN A 244 -9.44 7.76 11.29
C ASN A 244 -9.05 8.73 10.18
N LEU A 245 -7.93 8.47 9.49
CA LEU A 245 -7.51 9.32 8.38
C LEU A 245 -8.49 9.22 7.23
N PHE A 246 -8.87 7.99 6.88
CA PHE A 246 -9.84 7.82 5.80
C PHE A 246 -11.16 8.53 6.12
N ASP A 247 -11.64 8.42 7.36
CA ASP A 247 -12.89 9.09 7.72
C ASP A 247 -12.77 10.60 7.55
N GLU A 248 -11.61 11.14 7.92
CA GLU A 248 -11.38 12.57 7.78
C GLU A 248 -11.47 12.98 6.32
N VAL A 249 -10.84 12.21 5.44
CA VAL A 249 -10.75 12.56 4.02
C VAL A 249 -12.04 12.24 3.28
N PHE A 250 -12.69 11.11 3.61
CA PHE A 250 -13.76 10.53 2.78
C PHE A 250 -15.17 10.79 3.28
N SER A 251 -15.39 10.97 4.57
CA SER A 251 -16.76 11.02 5.09
C SER A 251 -17.56 12.18 4.49
#